data_3UV7
#
_entry.id   3UV7
#
_cell.length_a   70.400
_cell.length_b   80.510
_cell.length_c   111.730
_cell.angle_alpha   90.00
_cell.angle_beta   90.00
_cell.angle_gamma   90.00
#
_symmetry.space_group_name_H-M   'P 21 21 21'
#
loop_
_entity.id
_entity.type
_entity.pdbx_description
1 polymer '4-hydroxy-3-methylbut-2-enyl diphosphate reductase'
2 non-polymer 'IRON/SULFUR CLUSTER'
3 non-polymer 'buta-2,3-dien-1-yl trihydrogen diphosphate'
4 water water
#
_entity_poly.entity_id   1
_entity_poly.type   'polypeptide(L)'
_entity_poly.pdbx_seq_one_letter_code
;HHHHHHGSMQILLANPRGFCAGVDRAISIVENALAIYGAPIYVRHEVVHNRYVVDSLRERGAIFIEQISEVPDGAILIFS
AHGVSQAVRNEAKSRDLTVFDATCPLVTKVHMEVARASRRGEESILIGHAGHPEVEGTMGQYSNPEGGMYLVESPDDVWK
LTVKNEEKLSFMTQTTLSVDDTSDVIDALRKRFPKIVGPRKDDICYATTNRQEAVRALAEQAEVVLVVGSKNSSNSNRLA
ELAQRMGKRAFLIDDAKDIQEEWVKEVKCVGVTAGASAPDILVQNVVARLQQLGGGEAIPLEGREENIVFEVPKELRVDI
REVD
;
_entity_poly.pdbx_strand_id   A,B
#
loop_
_chem_comp.id
_chem_comp.type
_chem_comp.name
_chem_comp.formula
0CN non-polymer 'buta-2,3-dien-1-yl trihydrogen diphosphate' 'C4 H8 O7 P2'
SF4 non-polymer 'IRON/SULFUR CLUSTER' 'Fe4 S4'
#
# COMPACT_ATOMS: atom_id res chain seq x y z
N MET A 9 -33.37 -20.61 -8.14
CA MET A 9 -31.88 -20.63 -7.95
C MET A 9 -31.41 -19.39 -7.23
N GLN A 10 -30.57 -19.58 -6.21
CA GLN A 10 -30.04 -18.42 -5.46
C GLN A 10 -28.72 -17.94 -6.21
N ILE A 11 -28.56 -16.62 -6.37
CA ILE A 11 -27.29 -16.05 -6.95
C ILE A 11 -26.57 -15.36 -5.83
N LEU A 12 -25.29 -15.76 -5.58
CA LEU A 12 -24.51 -15.09 -4.53
C LEU A 12 -23.35 -14.37 -5.23
N LEU A 13 -23.01 -13.19 -4.77
CA LEU A 13 -21.87 -12.43 -5.31
C LEU A 13 -20.74 -12.36 -4.29
N ALA A 14 -19.53 -12.66 -4.70
CA ALA A 14 -18.30 -12.65 -3.83
C ALA A 14 -17.95 -11.20 -3.56
N ASN A 15 -17.38 -10.98 -2.36
CA ASN A 15 -16.95 -9.67 -2.01
C ASN A 15 -15.67 -9.71 -1.19
N PRO A 16 -14.56 -9.06 -1.67
CA PRO A 16 -14.52 -8.21 -2.88
C PRO A 16 -14.40 -9.03 -4.18
N ARG A 17 -14.72 -8.32 -5.23
CA ARG A 17 -14.61 -8.85 -6.61
C ARG A 17 -14.31 -7.67 -7.49
N GLY A 18 -13.84 -7.98 -8.70
CA GLY A 18 -13.73 -6.98 -9.78
C GLY A 18 -12.57 -6.00 -9.50
N PHE A 19 -12.72 -4.82 -10.06
CA PHE A 19 -11.54 -3.94 -10.21
C PHE A 19 -10.78 -3.70 -8.94
N CYS A 20 -9.47 -3.77 -9.06
CA CYS A 20 -8.52 -3.33 -8.02
C CYS A 20 -8.04 -1.91 -8.28
N ALA A 21 -7.15 -1.41 -7.43
CA ALA A 21 -6.75 -0.01 -7.55
C ALA A 21 -5.81 0.17 -8.71
N GLY A 22 -4.97 -0.82 -9.04
CA GLY A 22 -4.02 -0.67 -10.10
C GLY A 22 -4.68 -0.70 -11.46
N VAL A 23 -5.75 -1.52 -11.58
CA VAL A 23 -6.50 -1.62 -12.85
C VAL A 23 -7.29 -0.32 -13.08
N ASP A 24 -7.96 0.19 -12.01
CA ASP A 24 -8.76 1.41 -12.24
C ASP A 24 -7.79 2.54 -12.65
N ARG A 25 -6.60 2.64 -12.03
CA ARG A 25 -5.64 3.69 -12.42
C ARG A 25 -5.20 3.48 -13.86
N ALA A 26 -4.80 2.25 -14.20
CA ALA A 26 -4.21 1.98 -15.56
C ALA A 26 -5.25 2.36 -16.65
N ILE A 27 -6.50 1.95 -16.47
CA ILE A 27 -7.49 2.25 -17.50
C ILE A 27 -7.73 3.76 -17.57
N SER A 28 -7.72 4.44 -16.41
CA SER A 28 -7.87 5.89 -16.40
C SER A 28 -6.73 6.57 -17.10
N ILE A 29 -5.54 5.98 -17.00
CA ILE A 29 -4.35 6.60 -17.65
C ILE A 29 -4.61 6.60 -19.17
N VAL A 30 -5.07 5.47 -19.71
CA VAL A 30 -5.29 5.38 -21.17
C VAL A 30 -6.44 6.32 -21.59
N GLU A 31 -7.54 6.32 -20.80
CA GLU A 31 -8.73 7.12 -21.22
C GLU A 31 -8.33 8.59 -21.16
N ASN A 32 -7.59 9.01 -20.14
CA ASN A 32 -7.23 10.42 -19.97
C ASN A 32 -6.28 10.81 -21.09
N ALA A 33 -5.32 9.93 -21.41
CA ALA A 33 -4.44 10.22 -22.57
C ALA A 33 -5.25 10.40 -23.83
N LEU A 34 -6.21 9.52 -24.10
CA LEU A 34 -7.11 9.64 -25.26
C LEU A 34 -7.82 10.99 -25.24
N ALA A 35 -8.30 11.39 -24.06
CA ALA A 35 -9.08 12.65 -23.95
C ALA A 35 -8.20 13.87 -24.07
N ILE A 36 -6.98 13.82 -23.58
CA ILE A 36 -6.11 15.01 -23.65
C ILE A 36 -5.44 15.16 -25.04
N TYR A 37 -4.99 14.05 -25.63
CA TYR A 37 -4.17 14.05 -26.87
C TYR A 37 -4.84 13.58 -28.17
N GLY A 38 -5.99 12.94 -28.09
CA GLY A 38 -6.63 12.24 -29.23
C GLY A 38 -6.08 10.89 -29.63
N ALA A 39 -6.77 10.16 -30.52
CA ALA A 39 -6.23 8.98 -31.10
C ALA A 39 -5.09 9.42 -32.04
N PRO A 40 -4.13 8.53 -32.26
CA PRO A 40 -4.03 7.27 -31.55
C PRO A 40 -3.13 7.47 -30.31
N ILE A 41 -3.38 6.63 -29.33
CA ILE A 41 -2.46 6.42 -28.18
C ILE A 41 -2.01 4.99 -28.24
N TYR A 42 -0.70 4.80 -28.23
CA TYR A 42 -0.19 3.47 -28.29
C TYR A 42 -0.01 2.90 -26.87
N VAL A 43 -0.28 1.61 -26.74
CA VAL A 43 -0.21 0.97 -25.43
C VAL A 43 0.60 -0.32 -25.64
N ARG A 44 1.67 -0.40 -24.86
CA ARG A 44 2.43 -1.66 -24.91
C ARG A 44 1.76 -2.78 -24.08
N HIS A 45 1.29 -3.80 -24.78
CA HIS A 45 0.57 -4.94 -24.26
C HIS A 45 -0.87 -4.49 -23.94
N GLU A 46 -1.79 -5.44 -23.79
CA GLU A 46 -3.07 -5.13 -23.21
C GLU A 46 -2.88 -4.37 -21.91
N VAL A 47 -3.61 -3.21 -21.78
CA VAL A 47 -3.40 -2.36 -20.60
C VAL A 47 -3.60 -3.21 -19.34
N VAL A 48 -4.66 -3.97 -19.39
CA VAL A 48 -4.98 -5.01 -18.37
C VAL A 48 -5.54 -6.20 -19.15
N HIS A 49 -5.52 -7.39 -18.54
CA HIS A 49 -5.97 -8.58 -19.30
C HIS A 49 -7.50 -8.78 -19.27
N ASN A 50 -8.19 -7.87 -19.99
CA ASN A 50 -9.61 -8.04 -20.11
C ASN A 50 -9.99 -7.61 -21.54
N ARG A 51 -10.58 -8.57 -22.22
CA ARG A 51 -10.99 -8.39 -23.64
C ARG A 51 -12.02 -7.24 -23.80
N TYR A 52 -12.98 -7.09 -22.87
CA TYR A 52 -13.95 -6.01 -23.01
C TYR A 52 -13.26 -4.63 -22.80
N VAL A 53 -12.42 -4.49 -21.75
CA VAL A 53 -11.71 -3.23 -21.55
C VAL A 53 -10.82 -2.90 -22.77
N VAL A 54 -10.04 -3.88 -23.23
CA VAL A 54 -9.12 -3.69 -24.41
C VAL A 54 -9.93 -3.38 -25.69
N ASP A 55 -11.05 -4.10 -25.92
CA ASP A 55 -11.84 -3.87 -27.18
C ASP A 55 -12.40 -2.46 -27.10
N SER A 56 -12.80 -2.01 -25.89
CA SER A 56 -13.42 -0.71 -25.63
C SER A 56 -12.45 0.33 -26.08
N LEU A 57 -11.24 0.16 -25.59
CA LEU A 57 -10.24 1.21 -25.74
C LEU A 57 -9.80 1.20 -27.22
N ARG A 58 -9.69 0.04 -27.87
CA ARG A 58 -9.32 -0.07 -29.31
C ARG A 58 -10.32 0.72 -30.16
N GLU A 59 -11.60 0.60 -29.82
CA GLU A 59 -12.66 1.24 -30.61
C GLU A 59 -12.56 2.78 -30.40
N ARG A 60 -11.97 3.21 -29.29
CA ARG A 60 -11.77 4.64 -29.06
C ARG A 60 -10.42 5.17 -29.52
N GLY A 61 -9.61 4.31 -30.13
CA GLY A 61 -8.34 4.76 -30.74
C GLY A 61 -7.03 4.35 -30.09
N ALA A 62 -7.09 3.55 -29.04
CA ALA A 62 -5.86 3.02 -28.51
C ALA A 62 -5.38 1.89 -29.43
N ILE A 63 -4.08 1.85 -29.67
CA ILE A 63 -3.47 0.78 -30.42
C ILE A 63 -2.53 -0.03 -29.54
N PHE A 64 -2.87 -1.31 -29.36
CA PHE A 64 -2.10 -2.23 -28.47
C PHE A 64 -1.06 -2.96 -29.33
N ILE A 65 0.19 -2.80 -28.95
CA ILE A 65 1.32 -3.44 -29.60
C ILE A 65 2.09 -4.35 -28.60
N GLU A 66 2.92 -5.26 -29.12
CA GLU A 66 3.77 -6.06 -28.23
C GLU A 66 5.19 -5.51 -28.13
N GLN A 67 5.66 -4.87 -29.19
CA GLN A 67 7.06 -4.41 -29.28
C GLN A 67 7.10 -2.92 -29.63
N ILE A 68 8.08 -2.21 -29.08
CA ILE A 68 8.23 -0.75 -29.27
C ILE A 68 8.54 -0.48 -30.76
N SER A 69 9.12 -1.49 -31.43
CA SER A 69 9.35 -1.35 -32.89
C SER A 69 8.09 -1.18 -33.72
N GLU A 70 6.92 -1.42 -33.11
CA GLU A 70 5.62 -1.20 -33.78
C GLU A 70 5.10 0.22 -33.58
N VAL A 71 5.77 1.04 -32.76
CA VAL A 71 5.24 2.39 -32.47
C VAL A 71 6.00 3.39 -33.34
N PRO A 72 5.29 4.35 -33.98
CA PRO A 72 5.96 5.40 -34.78
C PRO A 72 6.72 6.41 -33.94
N ASP A 73 7.75 7.02 -34.55
CA ASP A 73 8.39 8.18 -33.92
C ASP A 73 7.35 9.26 -33.58
N GLY A 74 7.54 9.96 -32.45
CA GLY A 74 6.66 11.07 -32.05
C GLY A 74 5.39 10.66 -31.32
N ALA A 75 5.18 9.37 -31.16
CA ALA A 75 3.87 8.87 -30.66
C ALA A 75 3.90 8.99 -29.12
N ILE A 76 2.72 8.90 -28.53
CA ILE A 76 2.52 8.72 -27.04
C ILE A 76 2.37 7.22 -26.83
N LEU A 77 3.15 6.70 -25.88
CA LEU A 77 3.15 5.26 -25.62
C LEU A 77 2.85 5.08 -24.16
N ILE A 78 1.97 4.16 -23.78
CA ILE A 78 1.69 3.89 -22.34
C ILE A 78 2.14 2.46 -22.04
N PHE A 79 2.90 2.22 -20.95
CA PHE A 79 3.24 0.83 -20.61
C PHE A 79 2.06 0.28 -19.83
N SER A 80 1.77 -1.03 -19.95
CA SER A 80 0.58 -1.62 -19.30
C SER A 80 0.76 -1.75 -17.80
N ALA A 81 -0.34 -2.10 -17.17
CA ALA A 81 -0.30 -2.22 -15.67
C ALA A 81 0.69 -3.28 -15.16
N HIS A 82 1.03 -4.26 -15.99
CA HIS A 82 1.85 -5.42 -15.57
C HIS A 82 3.32 -5.03 -15.49
N GLY A 83 3.70 -3.90 -16.09
CA GLY A 83 5.13 -3.38 -16.06
C GLY A 83 5.93 -3.84 -17.24
N VAL A 84 7.15 -3.29 -17.29
CA VAL A 84 8.06 -3.58 -18.43
C VAL A 84 9.46 -3.70 -17.93
N SER A 85 10.25 -4.38 -18.75
CA SER A 85 11.68 -4.57 -18.40
C SER A 85 12.42 -3.24 -18.59
N GLN A 86 13.61 -3.12 -17.96
CA GLN A 86 14.52 -2.00 -18.24
C GLN A 86 14.83 -1.94 -19.70
N ALA A 87 15.06 -3.06 -20.37
CA ALA A 87 15.28 -3.03 -21.83
C ALA A 87 14.18 -2.37 -22.62
N VAL A 88 12.92 -2.72 -22.34
CA VAL A 88 11.83 -2.04 -22.99
C VAL A 88 11.80 -0.54 -22.65
N ARG A 89 11.95 -0.19 -21.37
CA ARG A 89 11.93 1.19 -20.96
C ARG A 89 13.06 1.93 -21.62
N ASN A 90 14.22 1.29 -21.76
CA ASN A 90 15.34 1.97 -22.39
C ASN A 90 15.15 2.17 -23.88
N GLU A 91 14.58 1.16 -24.52
CA GLU A 91 14.15 1.18 -25.93
C GLU A 91 13.19 2.28 -26.24
N ALA A 92 12.14 2.43 -25.43
CA ALA A 92 11.24 3.62 -25.53
C ALA A 92 12.01 4.94 -25.33
N LYS A 93 12.90 4.99 -24.34
CA LYS A 93 13.60 6.22 -23.92
C LYS A 93 14.56 6.68 -25.04
N SER A 94 15.08 5.73 -25.79
CA SER A 94 16.03 5.98 -26.90
C SER A 94 15.35 6.39 -28.20
N ARG A 95 14.04 6.22 -28.24
CA ARG A 95 13.20 6.51 -29.39
C ARG A 95 12.49 7.86 -29.14
N ASP A 96 11.78 8.36 -30.14
CA ASP A 96 11.19 9.71 -30.06
C ASP A 96 9.97 9.81 -29.07
N LEU A 97 9.77 8.84 -28.17
CA LEU A 97 8.43 8.61 -27.60
C LEU A 97 8.07 9.44 -26.37
N THR A 98 6.81 9.89 -26.25
CA THR A 98 6.36 10.48 -24.97
C THR A 98 5.75 9.30 -24.24
N VAL A 99 6.21 9.03 -23.04
CA VAL A 99 5.89 7.82 -22.33
C VAL A 99 5.11 8.15 -21.09
N PHE A 100 3.99 7.45 -20.86
CA PHE A 100 3.31 7.43 -19.52
C PHE A 100 3.32 5.99 -19.06
N ASP A 101 3.51 5.81 -17.76
CA ASP A 101 3.75 4.48 -17.28
C ASP A 101 2.49 4.06 -16.44
N ALA A 102 1.73 3.09 -16.87
CA ALA A 102 0.53 2.69 -16.06
C ALA A 102 0.88 1.51 -15.15
N THR A 103 2.20 1.14 -15.00
CA THR A 103 2.57 -0.01 -14.11
C THR A 103 1.90 0.19 -12.75
N CYS A 104 1.32 -0.89 -12.23
CA CYS A 104 0.72 -0.74 -10.89
C CYS A 104 1.85 -0.43 -9.86
N PRO A 105 1.61 0.51 -8.93
CA PRO A 105 2.61 0.74 -7.84
C PRO A 105 3.06 -0.56 -7.13
N LEU A 106 2.14 -1.54 -6.97
CA LEU A 106 2.53 -2.84 -6.29
C LEU A 106 3.39 -3.79 -7.09
N VAL A 107 3.41 -3.60 -8.45
CA VAL A 107 4.44 -4.24 -9.32
C VAL A 107 5.74 -3.46 -9.22
N THR A 108 5.67 -2.12 -9.32
CA THR A 108 6.89 -1.31 -9.18
C THR A 108 7.60 -1.59 -7.88
N LYS A 109 6.85 -1.82 -6.81
CA LYS A 109 7.55 -2.11 -5.49
C LYS A 109 8.47 -3.39 -5.69
N VAL A 110 8.01 -4.40 -6.43
CA VAL A 110 8.80 -5.62 -6.54
C VAL A 110 10.04 -5.26 -7.44
N HIS A 111 9.78 -4.46 -8.46
CA HIS A 111 10.86 -4.08 -9.44
C HIS A 111 11.99 -3.39 -8.67
N MET A 112 11.63 -2.57 -7.68
CA MET A 112 12.69 -1.81 -6.96
C MET A 112 13.57 -2.77 -6.18
N GLU A 113 12.96 -3.84 -5.64
CA GLU A 113 13.79 -4.84 -4.94
C GLU A 113 14.70 -5.64 -5.84
N VAL A 114 14.20 -6.05 -7.02
CA VAL A 114 15.08 -6.78 -7.92
C VAL A 114 16.24 -5.85 -8.37
N ALA A 115 15.97 -4.58 -8.64
CA ALA A 115 17.03 -3.62 -9.04
C ALA A 115 18.03 -3.52 -7.91
N ARG A 116 17.56 -3.50 -6.66
CA ARG A 116 18.51 -3.43 -5.54
C ARG A 116 19.41 -4.66 -5.51
N ALA A 117 18.84 -5.84 -5.68
CA ALA A 117 19.63 -7.05 -5.65
C ALA A 117 20.65 -7.07 -6.79
N SER A 118 20.24 -6.58 -7.96
CA SER A 118 21.10 -6.51 -9.12
C SER A 118 22.29 -5.58 -8.84
N ARG A 119 22.04 -4.39 -8.31
CA ARG A 119 23.16 -3.49 -7.98
C ARG A 119 24.16 -4.13 -7.04
N ARG A 120 23.69 -4.98 -6.11
CA ARG A 120 24.59 -5.62 -5.13
C ARG A 120 25.31 -6.85 -5.65
N GLY A 121 25.04 -7.24 -6.89
CA GLY A 121 25.43 -8.54 -7.42
C GLY A 121 25.03 -9.79 -6.63
N GLU A 122 23.89 -9.72 -5.93
CA GLU A 122 23.39 -10.84 -5.19
C GLU A 122 22.26 -11.43 -5.96
N GLU A 123 22.25 -12.76 -5.97
CA GLU A 123 21.25 -13.51 -6.75
C GLU A 123 19.85 -13.40 -6.16
N SER A 124 18.86 -13.39 -7.07
CA SER A 124 17.45 -13.30 -6.74
C SER A 124 16.70 -14.43 -7.47
N ILE A 125 15.64 -14.87 -6.83
CA ILE A 125 14.73 -15.89 -7.33
C ILE A 125 13.36 -15.25 -7.40
N LEU A 126 12.73 -15.34 -8.59
CA LEU A 126 11.34 -14.88 -8.70
C LEU A 126 10.43 -16.11 -8.76
N ILE A 127 9.35 -16.05 -7.97
CA ILE A 127 8.28 -17.11 -8.11
C ILE A 127 7.21 -16.56 -9.00
N GLY A 128 6.94 -17.25 -10.12
CA GLY A 128 5.96 -16.66 -11.04
C GLY A 128 5.81 -17.56 -12.21
N HIS A 129 4.95 -17.13 -13.14
CA HIS A 129 4.57 -18.01 -14.32
C HIS A 129 5.37 -17.59 -15.52
N ALA A 130 6.15 -18.55 -16.11
CA ALA A 130 6.90 -18.17 -17.34
C ALA A 130 6.02 -17.58 -18.45
N GLY A 131 6.54 -16.52 -19.07
CA GLY A 131 5.91 -15.87 -20.23
C GLY A 131 4.84 -14.86 -19.87
N HIS A 132 4.51 -14.78 -18.57
CA HIS A 132 3.59 -13.71 -18.22
C HIS A 132 4.28 -12.33 -18.28
N PRO A 133 3.58 -11.27 -18.73
CA PRO A 133 4.28 -10.03 -18.95
C PRO A 133 4.84 -9.48 -17.62
N GLU A 134 4.15 -9.72 -16.49
CA GLU A 134 4.72 -9.19 -15.22
C GLU A 134 6.06 -9.84 -14.94
N VAL A 135 6.16 -11.16 -15.13
CA VAL A 135 7.43 -11.88 -14.93
C VAL A 135 8.51 -11.35 -15.88
N GLU A 136 8.20 -11.11 -17.18
CA GLU A 136 9.19 -10.54 -18.08
C GLU A 136 9.68 -9.20 -17.55
N GLY A 137 8.74 -8.34 -17.10
CA GLY A 137 9.14 -7.05 -16.60
C GLY A 137 9.99 -7.17 -15.35
N THR A 138 9.59 -8.03 -14.38
CA THR A 138 10.35 -8.11 -13.16
C THR A 138 11.73 -8.76 -13.37
N MET A 139 11.78 -9.87 -14.11
CA MET A 139 13.09 -10.48 -14.38
C MET A 139 13.94 -9.46 -15.09
N GLY A 140 13.28 -8.61 -15.90
CA GLY A 140 13.95 -7.57 -16.72
C GLY A 140 14.51 -6.38 -15.94
N GLN A 141 14.35 -6.35 -14.59
CA GLN A 141 15.00 -5.36 -13.75
C GLN A 141 16.37 -5.85 -13.33
N TYR A 142 16.72 -7.10 -13.60
CA TYR A 142 18.03 -7.62 -13.14
C TYR A 142 19.02 -7.63 -14.29
N SER A 143 20.15 -6.91 -14.13
CA SER A 143 21.11 -6.89 -15.25
C SER A 143 22.55 -7.25 -14.88
N ASN A 144 22.86 -7.43 -13.60
CA ASN A 144 24.28 -7.60 -13.19
C ASN A 144 24.74 -9.00 -13.50
N PRO A 145 25.69 -9.20 -14.45
CA PRO A 145 26.24 -10.54 -14.80
C PRO A 145 26.90 -11.25 -13.63
N GLU A 146 27.40 -10.48 -12.67
CA GLU A 146 28.00 -11.09 -11.50
C GLU A 146 27.03 -11.79 -10.54
N GLY A 147 25.75 -11.42 -10.59
CA GLY A 147 24.73 -12.09 -9.77
C GLY A 147 23.97 -13.14 -10.59
N GLY A 148 22.64 -13.06 -10.57
CA GLY A 148 21.86 -14.05 -11.25
C GLY A 148 20.40 -13.76 -10.92
N MET A 149 19.50 -14.05 -11.87
CA MET A 149 18.04 -13.92 -11.70
C MET A 149 17.35 -15.16 -12.21
N TYR A 150 16.66 -15.85 -11.34
CA TYR A 150 16.16 -17.18 -11.68
C TYR A 150 14.63 -17.19 -11.49
N LEU A 151 13.96 -17.96 -12.32
CA LEU A 151 12.51 -18.10 -12.22
C LEU A 151 12.14 -19.46 -11.71
N VAL A 152 11.26 -19.59 -10.67
CA VAL A 152 10.72 -20.88 -10.27
C VAL A 152 9.21 -20.84 -10.25
N GLU A 153 8.53 -21.91 -10.70
CA GLU A 153 7.07 -21.91 -10.68
C GLU A 153 6.53 -22.89 -9.63
N SER A 154 7.32 -23.85 -9.19
CA SER A 154 6.74 -24.94 -8.37
C SER A 154 7.86 -25.39 -7.40
N PRO A 155 7.50 -26.22 -6.36
CA PRO A 155 8.55 -26.87 -5.55
C PRO A 155 9.52 -27.69 -6.41
N ASP A 156 9.06 -28.36 -7.46
CA ASP A 156 10.03 -29.16 -8.23
C ASP A 156 11.05 -28.25 -8.83
N ASP A 157 10.63 -27.05 -9.29
CA ASP A 157 11.64 -26.14 -9.84
C ASP A 157 12.71 -25.77 -8.83
N VAL A 158 12.26 -25.56 -7.55
CA VAL A 158 13.18 -25.26 -6.48
C VAL A 158 14.22 -26.44 -6.31
N TRP A 159 13.72 -27.69 -6.36
CA TRP A 159 14.50 -28.86 -6.03
C TRP A 159 15.56 -29.02 -7.11
N LYS A 160 15.34 -28.43 -8.30
CA LYS A 160 16.37 -28.54 -9.36
C LYS A 160 17.32 -27.33 -9.52
N LEU A 161 17.07 -26.26 -8.78
CA LEU A 161 17.79 -25.01 -9.03
C LEU A 161 19.16 -25.04 -8.34
N THR A 162 20.19 -24.54 -9.03
CA THR A 162 21.48 -24.36 -8.34
C THR A 162 21.87 -22.92 -8.56
N VAL A 163 22.39 -22.33 -7.50
CA VAL A 163 22.84 -20.97 -7.62
C VAL A 163 24.30 -20.87 -7.26
N LYS A 164 24.83 -19.68 -7.50
CA LYS A 164 26.26 -19.42 -7.28
C LYS A 164 26.69 -19.21 -5.87
N ASN A 165 25.86 -18.56 -5.08
CA ASN A 165 26.14 -18.21 -3.70
C ASN A 165 24.87 -18.15 -2.88
N GLU A 166 24.56 -19.27 -2.23
CA GLU A 166 23.35 -19.37 -1.52
C GLU A 166 23.37 -18.64 -0.19
N GLU A 167 24.51 -18.04 0.16
CA GLU A 167 24.57 -17.23 1.43
C GLU A 167 24.04 -15.85 1.17
N LYS A 168 23.95 -15.46 -0.10
CA LYS A 168 23.49 -14.12 -0.47
C LYS A 168 22.41 -14.26 -1.55
N LEU A 169 21.22 -14.52 -1.06
CA LEU A 169 20.15 -14.89 -1.98
C LEU A 169 18.86 -14.28 -1.54
N SER A 170 18.03 -13.76 -2.47
CA SER A 170 16.74 -13.24 -2.02
C SER A 170 15.65 -13.74 -2.95
N PHE A 171 14.43 -13.61 -2.52
CA PHE A 171 13.33 -14.03 -3.42
C PHE A 171 12.25 -12.92 -3.48
N MET A 172 11.45 -13.03 -4.56
CA MET A 172 10.33 -12.03 -4.86
C MET A 172 9.24 -12.88 -5.50
N THR A 173 8.05 -12.36 -5.57
CA THR A 173 6.96 -13.10 -6.28
C THR A 173 6.22 -12.18 -7.21
N GLN A 174 5.60 -12.84 -8.20
CA GLN A 174 4.55 -12.14 -8.97
C GLN A 174 3.36 -11.81 -8.07
N THR A 175 2.66 -10.76 -8.47
CA THR A 175 1.60 -10.16 -7.62
C THR A 175 0.27 -10.96 -7.63
N THR A 176 0.07 -11.74 -8.71
CA THR A 176 -1.28 -12.34 -8.96
C THR A 176 -1.27 -13.87 -8.90
N LEU A 177 -0.44 -14.45 -8.05
CA LEU A 177 -0.40 -15.90 -7.87
C LEU A 177 -1.45 -16.42 -6.90
N SER A 178 -1.58 -17.75 -6.89
CA SER A 178 -2.21 -18.42 -5.78
C SER A 178 -1.47 -18.22 -4.49
N VAL A 179 -2.16 -17.71 -3.47
CA VAL A 179 -1.53 -17.58 -2.14
C VAL A 179 -1.06 -18.96 -1.64
N ASP A 180 -1.92 -19.98 -1.76
CA ASP A 180 -1.60 -21.30 -1.23
C ASP A 180 -0.44 -21.95 -2.01
N ASP A 181 -0.50 -21.96 -3.34
CA ASP A 181 0.63 -22.63 -4.08
C ASP A 181 1.97 -21.86 -3.86
N THR A 182 1.91 -20.54 -3.72
CA THR A 182 3.11 -19.75 -3.50
C THR A 182 3.70 -20.07 -2.13
N SER A 183 2.85 -20.26 -1.14
CA SER A 183 3.31 -20.63 0.22
C SER A 183 4.08 -21.95 0.12
N ASP A 184 3.63 -22.89 -0.74
CA ASP A 184 4.35 -24.20 -0.91
C ASP A 184 5.78 -23.96 -1.56
N VAL A 185 5.86 -23.01 -2.50
CA VAL A 185 7.13 -22.73 -3.14
C VAL A 185 8.09 -22.09 -2.16
N ILE A 186 7.58 -21.17 -1.35
CA ILE A 186 8.42 -20.49 -0.35
C ILE A 186 8.92 -21.53 0.70
N ASP A 187 8.04 -22.45 1.13
CA ASP A 187 8.49 -23.49 2.10
C ASP A 187 9.63 -24.29 1.48
N ALA A 188 9.55 -24.56 0.18
CA ALA A 188 10.60 -25.33 -0.47
C ALA A 188 11.89 -24.50 -0.57
N LEU A 189 11.78 -23.22 -0.97
CA LEU A 189 12.94 -22.31 -1.03
C LEU A 189 13.69 -22.22 0.31
N ARG A 190 12.91 -22.16 1.39
CA ARG A 190 13.60 -22.05 2.73
C ARG A 190 14.21 -23.33 3.14
N LYS A 191 13.61 -24.46 2.76
CA LYS A 191 14.26 -25.77 3.06
C LYS A 191 15.53 -25.98 2.25
N ARG A 192 15.54 -25.54 0.98
CA ARG A 192 16.69 -25.79 0.10
C ARG A 192 17.77 -24.71 0.41
N PHE A 193 17.33 -23.50 0.78
CA PHE A 193 18.27 -22.34 0.88
C PHE A 193 18.03 -21.60 2.16
N PRO A 194 18.57 -22.13 3.24
CA PRO A 194 18.05 -21.67 4.54
C PRO A 194 18.40 -20.23 4.81
N LYS A 195 19.40 -19.62 4.12
CA LYS A 195 19.74 -18.22 4.38
C LYS A 195 18.95 -17.22 3.48
N ILE A 196 18.06 -17.76 2.65
CA ILE A 196 17.33 -16.89 1.69
C ILE A 196 16.52 -15.80 2.44
N VAL A 197 16.48 -14.61 1.89
CA VAL A 197 15.79 -13.46 2.45
C VAL A 197 14.66 -13.10 1.51
N GLY A 198 13.55 -12.73 2.11
CA GLY A 198 12.43 -12.28 1.28
C GLY A 198 11.52 -11.40 2.13
N PRO A 199 10.32 -11.14 1.61
CA PRO A 199 9.38 -10.35 2.41
C PRO A 199 8.80 -11.26 3.50
N ARG A 200 7.97 -10.71 4.39
CA ARG A 200 7.43 -11.56 5.51
C ARG A 200 6.66 -12.77 4.94
N LYS A 201 5.90 -12.57 3.85
CA LYS A 201 5.00 -13.65 3.34
C LYS A 201 5.29 -13.81 1.83
N ASP A 202 4.94 -12.82 1.04
CA ASP A 202 5.14 -12.94 -0.44
C ASP A 202 4.88 -11.49 -0.99
N ASP A 203 4.96 -11.30 -2.28
CA ASP A 203 4.62 -10.04 -2.96
C ASP A 203 3.25 -10.12 -3.60
N ILE A 204 2.44 -11.14 -3.26
CA ILE A 204 1.05 -11.20 -3.73
C ILE A 204 0.30 -10.01 -3.23
N CYS A 205 -0.39 -9.30 -4.09
CA CYS A 205 -1.02 -8.01 -3.67
C CYS A 205 -2.32 -8.16 -2.89
N TYR A 206 -2.71 -7.08 -2.20
CA TYR A 206 -3.98 -7.12 -1.39
C TYR A 206 -5.14 -7.59 -2.22
N ALA A 207 -5.24 -7.21 -3.51
CA ALA A 207 -6.44 -7.47 -4.30
C ALA A 207 -6.49 -8.98 -4.62
N THR A 208 -5.31 -9.57 -4.89
CA THR A 208 -5.24 -11.03 -5.22
C THR A 208 -5.59 -11.82 -3.99
N THR A 209 -4.95 -11.47 -2.87
CA THR A 209 -5.19 -12.20 -1.58
C THR A 209 -6.68 -12.06 -1.20
N ASN A 210 -7.21 -10.86 -1.36
CA ASN A 210 -8.63 -10.64 -0.93
C ASN A 210 -9.59 -11.37 -1.84
N ARG A 211 -9.34 -11.36 -3.15
CA ARG A 211 -10.32 -12.05 -4.01
C ARG A 211 -10.28 -13.56 -3.86
N GLN A 212 -9.10 -14.10 -3.50
CA GLN A 212 -9.02 -15.53 -3.25
C GLN A 212 -9.75 -15.92 -1.96
N GLU A 213 -9.60 -15.07 -0.94
CA GLU A 213 -10.30 -15.26 0.33
C GLU A 213 -11.79 -15.19 0.06
N ALA A 214 -12.21 -14.25 -0.77
CA ALA A 214 -13.67 -14.08 -1.08
C ALA A 214 -14.24 -15.25 -1.90
N VAL A 215 -13.46 -15.76 -2.83
CA VAL A 215 -13.95 -16.88 -3.63
C VAL A 215 -14.01 -18.17 -2.81
N ARG A 216 -13.12 -18.33 -1.81
CA ARG A 216 -13.15 -19.47 -0.88
C ARG A 216 -14.50 -19.40 -0.14
N ALA A 217 -14.88 -18.22 0.30
CA ALA A 217 -16.14 -18.11 1.08
C ALA A 217 -17.35 -18.36 0.16
N LEU A 218 -17.29 -17.85 -1.06
CA LEU A 218 -18.30 -18.10 -2.10
C LEU A 218 -18.47 -19.57 -2.44
N ALA A 219 -17.36 -20.30 -2.61
CA ALA A 219 -17.44 -21.70 -2.99
C ALA A 219 -17.90 -22.56 -1.86
N GLU A 220 -17.82 -22.04 -0.63
CA GLU A 220 -18.29 -22.85 0.49
C GLU A 220 -19.82 -22.92 0.44
N GLN A 221 -20.47 -21.93 -0.14
CA GLN A 221 -21.92 -21.84 -0.24
C GLN A 221 -22.51 -22.28 -1.57
N ALA A 222 -21.77 -22.03 -2.63
CA ALA A 222 -22.25 -22.25 -4.02
C ALA A 222 -21.83 -23.59 -4.57
N GLU A 223 -22.71 -24.18 -5.38
CA GLU A 223 -22.44 -25.40 -6.11
C GLU A 223 -21.62 -25.15 -7.38
N VAL A 224 -21.83 -23.99 -8.03
CA VAL A 224 -21.15 -23.66 -9.29
C VAL A 224 -20.68 -22.26 -9.09
N VAL A 225 -19.47 -21.96 -9.53
CA VAL A 225 -18.91 -20.58 -9.44
C VAL A 225 -18.58 -20.05 -10.87
N LEU A 226 -19.08 -18.85 -11.20
CA LEU A 226 -18.66 -18.29 -12.49
C LEU A 226 -17.70 -17.16 -12.13
N VAL A 227 -16.53 -17.17 -12.79
CA VAL A 227 -15.54 -16.08 -12.59
C VAL A 227 -15.49 -15.27 -13.84
N VAL A 228 -15.88 -13.99 -13.72
CA VAL A 228 -15.84 -13.10 -14.89
C VAL A 228 -14.38 -12.62 -15.05
N GLY A 229 -13.84 -12.97 -16.20
CA GLY A 229 -12.43 -12.61 -16.44
C GLY A 229 -11.94 -13.25 -17.75
N SER A 230 -10.91 -12.66 -18.35
CA SER A 230 -10.34 -13.17 -19.61
C SER A 230 -9.36 -14.31 -19.44
N LYS A 231 -9.16 -15.09 -20.51
CA LYS A 231 -8.34 -16.31 -20.38
C LYS A 231 -6.90 -16.05 -20.01
N ASN A 232 -6.40 -14.89 -20.37
CA ASN A 232 -5.02 -14.61 -20.09
C ASN A 232 -4.84 -13.77 -18.83
N SER A 233 -5.91 -13.66 -18.06
CA SER A 233 -5.76 -12.98 -16.70
C SER A 233 -5.35 -14.06 -15.64
N SER A 234 -4.10 -13.96 -15.18
CA SER A 234 -3.60 -14.80 -14.11
C SER A 234 -4.52 -14.75 -12.88
N ASN A 235 -4.78 -13.54 -12.41
CA ASN A 235 -5.50 -13.55 -11.12
C ASN A 235 -6.93 -14.16 -11.33
N SER A 236 -7.54 -13.97 -12.50
CA SER A 236 -8.88 -14.50 -12.67
C SER A 236 -8.85 -16.04 -12.70
N ASN A 237 -7.82 -16.58 -13.38
CA ASN A 237 -7.66 -18.04 -13.46
C ASN A 237 -7.41 -18.63 -12.07
N ARG A 238 -6.72 -17.90 -11.17
CA ARG A 238 -6.54 -18.38 -9.80
C ARG A 238 -7.86 -18.51 -9.07
N LEU A 239 -8.81 -17.64 -9.37
CA LEU A 239 -10.11 -17.71 -8.61
C LEU A 239 -10.88 -18.94 -9.09
N ALA A 240 -10.88 -19.22 -10.38
CA ALA A 240 -11.59 -20.39 -10.86
C ALA A 240 -10.93 -21.64 -10.32
N GLU A 241 -9.59 -21.67 -10.37
CA GLU A 241 -8.85 -22.83 -9.85
C GLU A 241 -9.09 -23.10 -8.40
N LEU A 242 -9.19 -22.07 -7.58
CA LEU A 242 -9.44 -22.20 -6.17
C LEU A 242 -10.79 -22.87 -5.93
N ALA A 243 -11.84 -22.42 -6.61
CA ALA A 243 -13.14 -23.07 -6.46
C ALA A 243 -13.14 -24.52 -7.00
N GLN A 244 -12.44 -24.78 -8.13
CA GLN A 244 -12.37 -26.14 -8.69
C GLN A 244 -11.72 -27.08 -7.66
N ARG A 245 -10.67 -26.62 -6.96
CA ARG A 245 -9.96 -27.45 -6.01
C ARG A 245 -10.82 -27.72 -4.71
N MET A 246 -11.88 -26.91 -4.50
CA MET A 246 -12.87 -27.14 -3.47
C MET A 246 -13.94 -28.10 -3.93
N GLY A 247 -13.82 -28.57 -5.20
CA GLY A 247 -14.79 -29.59 -5.77
C GLY A 247 -16.03 -28.95 -6.34
N LYS A 248 -16.01 -27.62 -6.57
CA LYS A 248 -17.16 -26.95 -7.25
C LYS A 248 -16.86 -26.89 -8.78
N ARG A 249 -17.85 -26.97 -9.64
CA ARG A 249 -17.60 -26.73 -11.05
C ARG A 249 -17.43 -25.20 -11.11
N ALA A 250 -16.38 -24.76 -11.77
CA ALA A 250 -16.15 -23.33 -11.89
C ALA A 250 -15.70 -23.02 -13.28
N PHE A 251 -16.16 -21.89 -13.81
CA PHE A 251 -15.96 -21.53 -15.17
C PHE A 251 -15.44 -20.12 -15.27
N LEU A 252 -14.40 -19.94 -16.07
CA LEU A 252 -13.90 -18.60 -16.36
C LEU A 252 -14.58 -18.11 -17.62
N ILE A 253 -15.29 -16.98 -17.53
CA ILE A 253 -16.05 -16.47 -18.69
C ILE A 253 -15.82 -15.00 -18.93
N ASP A 254 -15.89 -14.56 -20.19
CA ASP A 254 -15.66 -13.17 -20.48
C ASP A 254 -16.89 -12.38 -20.32
N ASP A 255 -18.01 -12.99 -20.68
CA ASP A 255 -19.32 -12.32 -20.61
C ASP A 255 -20.50 -13.33 -20.52
N ALA A 256 -21.70 -12.77 -20.41
CA ALA A 256 -22.89 -13.59 -20.19
C ALA A 256 -23.17 -14.60 -21.33
N LYS A 257 -22.74 -14.24 -22.53
CA LYS A 257 -22.95 -15.08 -23.73
C LYS A 257 -22.23 -16.42 -23.56
N ASP A 258 -21.18 -16.46 -22.74
CA ASP A 258 -20.44 -17.71 -22.55
C ASP A 258 -21.14 -18.70 -21.64
N ILE A 259 -22.20 -18.33 -20.89
CA ILE A 259 -22.80 -19.19 -19.90
C ILE A 259 -23.59 -20.25 -20.72
N GLN A 260 -23.29 -21.52 -20.41
CA GLN A 260 -23.98 -22.65 -21.02
C GLN A 260 -25.06 -23.08 -20.03
N GLU A 261 -26.30 -23.30 -20.53
CA GLU A 261 -27.44 -23.55 -19.64
C GLU A 261 -27.18 -24.82 -18.76
N GLU A 262 -26.49 -25.80 -19.31
CA GLU A 262 -26.28 -27.08 -18.58
C GLU A 262 -25.46 -26.81 -17.29
N TRP A 263 -24.65 -25.73 -17.26
CA TRP A 263 -23.79 -25.51 -16.11
C TRP A 263 -24.58 -25.18 -14.91
N VAL A 264 -25.77 -24.59 -15.11
CA VAL A 264 -26.64 -24.24 -13.99
C VAL A 264 -28.04 -24.90 -13.93
N LYS A 265 -28.37 -25.76 -14.88
CA LYS A 265 -29.63 -26.52 -14.80
C LYS A 265 -29.74 -27.29 -13.46
N GLU A 266 -30.81 -27.02 -12.70
CA GLU A 266 -31.06 -27.75 -11.45
C GLU A 266 -30.03 -27.44 -10.33
N VAL A 267 -29.29 -26.35 -10.48
CA VAL A 267 -28.37 -25.93 -9.46
C VAL A 267 -29.15 -25.01 -8.56
N LYS A 268 -29.07 -25.21 -7.25
CA LYS A 268 -29.81 -24.33 -6.32
C LYS A 268 -29.05 -23.08 -5.87
N CYS A 269 -27.72 -23.10 -5.95
CA CYS A 269 -26.94 -21.93 -5.53
C CYS A 269 -25.81 -21.73 -6.48
N VAL A 270 -25.82 -20.58 -7.16
CA VAL A 270 -24.68 -20.24 -8.13
C VAL A 270 -23.97 -19.03 -7.63
N GLY A 271 -22.63 -19.07 -7.65
CA GLY A 271 -21.81 -17.93 -7.16
C GLY A 271 -21.19 -17.23 -8.33
N VAL A 272 -21.06 -15.90 -8.18
CA VAL A 272 -20.40 -15.12 -9.27
C VAL A 272 -19.30 -14.26 -8.66
N THR A 273 -18.14 -14.30 -9.25
CA THR A 273 -17.12 -13.33 -8.84
C THR A 273 -16.50 -12.76 -10.10
N ALA A 274 -15.45 -11.93 -9.95
CA ALA A 274 -14.81 -11.32 -11.09
C ALA A 274 -13.37 -11.09 -10.71
N GLY A 275 -12.49 -11.28 -11.66
CA GLY A 275 -11.07 -10.95 -11.48
C GLY A 275 -10.85 -9.41 -11.36
N ALA A 276 -9.60 -9.05 -11.00
CA ALA A 276 -9.24 -7.65 -10.73
C ALA A 276 -9.28 -6.78 -11.97
N SER A 277 -9.33 -7.41 -13.18
CA SER A 277 -9.31 -6.57 -14.44
C SER A 277 -10.71 -6.59 -15.13
N ALA A 278 -11.74 -7.14 -14.45
CA ALA A 278 -13.09 -7.29 -15.10
C ALA A 278 -14.06 -6.22 -14.63
N PRO A 279 -14.66 -5.42 -15.52
CA PRO A 279 -15.58 -4.35 -15.07
C PRO A 279 -16.89 -4.83 -14.62
N ASP A 280 -17.47 -4.05 -13.72
CA ASP A 280 -18.70 -4.45 -13.10
C ASP A 280 -19.84 -4.59 -14.08
N ILE A 281 -19.86 -3.83 -15.16
CA ILE A 281 -20.95 -4.08 -16.17
C ILE A 281 -21.01 -5.51 -16.66
N LEU A 282 -19.83 -6.19 -16.73
CA LEU A 282 -19.89 -7.60 -17.18
C LEU A 282 -20.54 -8.47 -16.13
N VAL A 283 -20.29 -8.19 -14.83
CA VAL A 283 -20.91 -9.00 -13.80
C VAL A 283 -22.41 -8.70 -13.83
N GLN A 284 -22.81 -7.42 -14.02
CA GLN A 284 -24.28 -7.14 -14.13
C GLN A 284 -24.96 -7.88 -15.21
N ASN A 285 -24.32 -8.05 -16.35
CA ASN A 285 -24.94 -8.77 -17.46
C ASN A 285 -24.97 -10.26 -17.18
N VAL A 286 -23.95 -10.76 -16.48
CA VAL A 286 -24.00 -12.15 -16.06
C VAL A 286 -25.13 -12.42 -15.09
N VAL A 287 -25.35 -11.54 -14.12
CA VAL A 287 -26.44 -11.75 -13.18
C VAL A 287 -27.74 -11.72 -14.01
N ALA A 288 -27.84 -10.78 -14.97
CA ALA A 288 -29.13 -10.68 -15.74
C ALA A 288 -29.39 -12.01 -16.45
N ARG A 289 -28.33 -12.63 -17.01
CA ARG A 289 -28.51 -13.90 -17.72
C ARG A 289 -28.85 -14.99 -16.76
N LEU A 290 -28.19 -15.04 -15.57
CA LEU A 290 -28.57 -16.09 -14.60
C LEU A 290 -30.06 -15.98 -14.16
N GLN A 291 -30.59 -14.75 -14.05
CA GLN A 291 -32.01 -14.45 -13.72
C GLN A 291 -32.89 -14.99 -14.88
N GLN A 292 -32.46 -14.87 -16.15
CA GLN A 292 -33.23 -15.51 -17.27
C GLN A 292 -33.28 -17.02 -17.09
N LEU A 293 -32.20 -17.56 -16.54
CA LEU A 293 -32.12 -19.00 -16.30
C LEU A 293 -32.66 -19.42 -14.92
N GLY A 294 -33.42 -18.56 -14.24
CA GLY A 294 -34.12 -19.03 -13.07
C GLY A 294 -33.68 -18.37 -11.82
N GLY A 295 -32.56 -17.62 -11.87
CA GLY A 295 -32.10 -17.03 -10.63
C GLY A 295 -32.93 -15.88 -10.06
N GLY A 296 -32.83 -15.68 -8.72
CA GLY A 296 -33.43 -14.51 -8.05
C GLY A 296 -32.55 -13.26 -7.93
N GLU A 297 -32.88 -12.36 -6.99
CA GLU A 297 -32.04 -11.15 -6.73
C GLU A 297 -30.71 -11.68 -6.31
N ALA A 298 -29.66 -11.05 -6.81
CA ALA A 298 -28.28 -11.37 -6.43
C ALA A 298 -28.03 -10.88 -5.06
N ILE A 299 -27.43 -11.75 -4.25
CA ILE A 299 -27.15 -11.44 -2.83
C ILE A 299 -25.64 -11.26 -2.65
N PRO A 300 -25.22 -10.03 -2.35
CA PRO A 300 -23.81 -9.87 -2.11
C PRO A 300 -23.37 -10.50 -0.73
N LEU A 301 -22.29 -11.26 -0.72
CA LEU A 301 -21.72 -11.78 0.55
C LEU A 301 -21.04 -10.65 1.27
N GLU A 302 -20.97 -10.78 2.59
CA GLU A 302 -20.22 -9.80 3.38
C GLU A 302 -18.76 -10.04 3.10
N GLY A 303 -17.97 -8.99 3.03
CA GLY A 303 -16.55 -9.19 2.72
C GLY A 303 -15.65 -8.20 3.33
N ARG A 304 -14.36 -8.53 3.27
CA ARG A 304 -13.29 -7.63 3.68
C ARG A 304 -13.37 -6.32 2.92
N GLU A 305 -13.34 -5.19 3.63
CA GLU A 305 -13.42 -3.86 3.04
C GLU A 305 -12.12 -3.57 2.31
N GLU A 306 -12.22 -2.96 1.09
CA GLU A 306 -11.00 -2.39 0.43
C GLU A 306 -11.13 -0.89 0.42
N ASN A 307 -10.01 -0.18 0.64
CA ASN A 307 -10.09 1.27 0.65
C ASN A 307 -8.93 1.91 -0.13
N ILE A 308 -8.13 1.11 -0.82
CA ILE A 308 -6.95 1.74 -1.50
C ILE A 308 -7.31 2.25 -2.89
N VAL A 309 -6.89 3.48 -3.13
CA VAL A 309 -7.00 4.09 -4.49
C VAL A 309 -5.60 4.53 -4.91
N PHE A 310 -5.25 4.31 -6.21
CA PHE A 310 -4.01 4.90 -6.73
C PHE A 310 -4.32 5.96 -7.79
N GLU A 311 -3.84 7.18 -7.55
CA GLU A 311 -4.22 8.33 -8.49
C GLU A 311 -3.46 8.25 -9.80
N VAL A 312 -4.08 8.81 -10.86
CA VAL A 312 -3.32 8.95 -12.13
C VAL A 312 -2.22 10.00 -11.91
N PRO A 313 -1.16 9.95 -12.69
CA PRO A 313 -0.15 10.99 -12.55
C PRO A 313 -0.70 12.41 -12.88
N LYS A 314 -0.15 13.42 -12.24
CA LYS A 314 -0.74 14.76 -12.32
C LYS A 314 -0.78 15.24 -13.78
N GLU A 315 0.21 14.82 -14.58
CA GLU A 315 0.24 15.08 -16.01
C GLU A 315 -0.98 14.64 -16.78
N LEU A 316 -1.79 13.71 -16.22
CA LEU A 316 -2.90 13.15 -16.93
C LEU A 316 -4.26 13.45 -16.25
N ARG A 317 -4.33 14.40 -15.33
CA ARG A 317 -5.63 14.78 -14.76
C ARG A 317 -6.53 15.38 -15.82
N MET B 9 15.08 37.23 0.02
CA MET B 9 14.96 35.82 0.60
C MET B 9 14.15 34.90 -0.30
N GLN B 10 14.72 33.74 -0.65
CA GLN B 10 14.10 32.78 -1.55
C GLN B 10 13.40 31.80 -0.60
N ILE B 11 12.16 31.50 -0.92
CA ILE B 11 11.38 30.52 -0.07
C ILE B 11 11.28 29.29 -0.90
N LEU B 12 11.74 28.13 -0.33
CA LEU B 12 11.66 26.88 -1.02
C LEU B 12 10.66 25.97 -0.29
N LEU B 13 9.88 25.22 -1.03
CA LEU B 13 8.98 24.23 -0.39
C LEU B 13 9.40 22.82 -0.69
N ALA B 14 9.47 21.96 0.32
CA ALA B 14 9.82 20.54 0.13
C ALA B 14 8.65 19.80 -0.56
N ASN B 15 8.97 18.79 -1.33
CA ASN B 15 7.90 17.98 -1.92
C ASN B 15 8.37 16.54 -1.96
N PRO B 16 7.62 15.60 -1.36
CA PRO B 16 6.31 15.87 -0.71
C PRO B 16 6.43 16.51 0.65
N ARG B 17 5.29 17.06 1.13
CA ARG B 17 5.19 17.61 2.48
C ARG B 17 3.73 17.46 2.91
N GLY B 18 3.43 17.57 4.19
CA GLY B 18 2.03 17.70 4.52
C GLY B 18 1.31 16.37 4.46
N PHE B 19 -0.02 16.46 4.41
CA PHE B 19 -0.83 15.27 4.66
C PHE B 19 -0.42 14.07 3.86
N CYS B 20 -0.41 12.94 4.58
CA CYS B 20 -0.34 11.65 3.95
C CYS B 20 -1.75 11.04 3.78
N ALA B 21 -1.79 9.82 3.21
CA ALA B 21 -3.09 9.18 2.91
C ALA B 21 -3.83 8.75 4.20
N GLY B 22 -3.10 8.34 5.27
CA GLY B 22 -3.78 7.88 6.51
C GLY B 22 -4.36 9.04 7.28
N VAL B 23 -3.64 10.18 7.28
CA VAL B 23 -4.13 11.41 8.00
C VAL B 23 -5.34 11.99 7.27
N ASP B 24 -5.31 12.02 5.90
CA ASP B 24 -6.46 12.62 5.23
C ASP B 24 -7.69 11.75 5.48
N ARG B 25 -7.52 10.42 5.42
CA ARG B 25 -8.62 9.53 5.74
C ARG B 25 -9.12 9.72 7.19
N ALA B 26 -8.22 9.81 8.16
CA ALA B 26 -8.64 9.85 9.59
C ALA B 26 -9.44 11.12 9.84
N ILE B 27 -8.95 12.24 9.32
CA ILE B 27 -9.68 13.53 9.53
C ILE B 27 -11.02 13.51 8.86
N SER B 28 -11.04 12.91 7.69
CA SER B 28 -12.30 12.79 6.99
C SER B 28 -13.33 11.92 7.70
N ILE B 29 -12.84 10.88 8.41
CA ILE B 29 -13.72 10.03 9.18
C ILE B 29 -14.38 10.90 10.26
N VAL B 30 -13.60 11.66 11.00
CA VAL B 30 -14.21 12.51 12.06
C VAL B 30 -15.18 13.57 11.44
N GLU B 31 -14.74 14.27 10.39
CA GLU B 31 -15.53 15.32 9.78
C GLU B 31 -16.86 14.70 9.28
N ASN B 32 -16.82 13.56 8.59
CA ASN B 32 -18.04 12.95 8.04
C ASN B 32 -18.94 12.38 9.09
N ALA B 33 -18.37 11.76 10.13
CA ALA B 33 -19.20 11.35 11.28
C ALA B 33 -19.94 12.56 11.86
N LEU B 34 -19.28 13.69 11.99
CA LEU B 34 -19.94 14.96 12.50
C LEU B 34 -21.08 15.38 11.53
N ALA B 35 -20.79 15.33 10.24
CA ALA B 35 -21.79 15.75 9.21
C ALA B 35 -22.98 14.78 9.21
N ILE B 36 -22.79 13.47 9.37
CA ILE B 36 -23.85 12.47 9.24
C ILE B 36 -24.70 12.34 10.51
N TYR B 37 -24.03 12.24 11.65
CA TYR B 37 -24.71 11.93 12.91
C TYR B 37 -24.85 13.17 13.82
N GLY B 38 -24.24 14.28 13.46
CA GLY B 38 -24.15 15.50 14.28
C GLY B 38 -23.24 15.38 15.48
N ALA B 39 -22.99 16.52 16.15
CA ALA B 39 -22.23 16.56 17.41
C ALA B 39 -23.08 16.02 18.56
N PRO B 40 -22.46 15.37 19.54
CA PRO B 40 -21.00 15.15 19.69
C PRO B 40 -20.59 13.86 19.01
N ILE B 41 -19.33 13.78 18.62
CA ILE B 41 -18.68 12.53 18.17
C ILE B 41 -17.48 12.43 19.10
N TYR B 42 -17.29 11.25 19.69
CA TYR B 42 -16.15 11.09 20.66
C TYR B 42 -14.99 10.48 19.93
N VAL B 43 -13.81 11.00 20.19
CA VAL B 43 -12.57 10.47 19.60
C VAL B 43 -11.58 10.11 20.69
N ARG B 44 -11.10 8.87 20.60
CA ARG B 44 -10.12 8.40 21.60
C ARG B 44 -8.71 8.88 21.23
N HIS B 45 -8.31 9.87 22.03
CA HIS B 45 -7.10 10.64 21.89
C HIS B 45 -7.05 11.46 20.61
N GLU B 46 -6.00 12.28 20.50
CA GLU B 46 -5.92 13.15 19.30
C GLU B 46 -6.00 12.30 18.02
N VAL B 47 -6.88 12.72 17.12
CA VAL B 47 -7.08 11.86 15.91
C VAL B 47 -5.78 11.74 15.08
N VAL B 48 -5.08 12.85 14.97
CA VAL B 48 -3.69 12.90 14.52
C VAL B 48 -3.02 13.95 15.42
N HIS B 49 -1.69 13.87 15.46
CA HIS B 49 -0.94 14.77 16.34
C HIS B 49 -0.75 16.15 15.74
N ASN B 50 -1.87 16.86 15.62
CA ASN B 50 -1.78 18.24 15.15
C ASN B 50 -2.77 19.12 15.90
N ARG B 51 -2.19 20.11 16.57
CA ARG B 51 -3.00 20.99 17.41
C ARG B 51 -4.10 21.74 16.63
N TYR B 52 -3.76 22.24 15.45
CA TYR B 52 -4.71 22.97 14.59
C TYR B 52 -5.86 21.99 14.19
N VAL B 53 -5.49 20.77 13.75
CA VAL B 53 -6.58 19.86 13.34
C VAL B 53 -7.50 19.47 14.50
N VAL B 54 -6.89 19.15 15.66
CA VAL B 54 -7.65 18.80 16.87
C VAL B 54 -8.55 19.97 17.31
N ASP B 55 -7.95 21.17 17.34
CA ASP B 55 -8.79 22.34 17.80
C ASP B 55 -9.92 22.61 16.81
N SER B 56 -9.70 22.39 15.50
CA SER B 56 -10.71 22.58 14.48
C SER B 56 -11.89 21.61 14.69
N LEU B 57 -11.56 20.34 14.95
CA LEU B 57 -12.58 19.34 15.07
C LEU B 57 -13.32 19.59 16.41
N ARG B 58 -12.60 19.95 17.48
CA ARG B 58 -13.26 20.32 18.74
C ARG B 58 -14.31 21.41 18.54
N GLU B 59 -13.98 22.39 17.73
CA GLU B 59 -14.87 23.54 17.49
C GLU B 59 -16.10 23.10 16.72
N ARG B 60 -16.00 22.00 15.93
CA ARG B 60 -17.16 21.40 15.29
C ARG B 60 -17.95 20.36 16.07
N GLY B 61 -17.52 20.12 17.31
CA GLY B 61 -18.30 19.28 18.24
C GLY B 61 -17.68 17.92 18.44
N ALA B 62 -16.44 17.68 17.95
CA ALA B 62 -15.72 16.46 18.38
C ALA B 62 -15.25 16.57 19.85
N ILE B 63 -15.44 15.53 20.69
CA ILE B 63 -14.95 15.58 22.04
C ILE B 63 -13.84 14.50 22.09
N PHE B 64 -12.63 14.95 22.43
CA PHE B 64 -11.44 14.13 22.61
C PHE B 64 -11.34 13.63 24.00
N ILE B 65 -11.34 12.29 24.14
CA ILE B 65 -11.34 11.65 25.53
C ILE B 65 -10.12 10.76 25.65
N GLU B 66 -9.78 10.36 26.89
CA GLU B 66 -8.62 9.55 27.06
C GLU B 66 -9.00 8.10 27.24
N GLN B 67 -10.13 7.82 27.89
CA GLN B 67 -10.54 6.40 28.08
C GLN B 67 -11.96 6.17 27.57
N ILE B 68 -12.17 5.00 27.00
CA ILE B 68 -13.54 4.62 26.49
C ILE B 68 -14.64 4.72 27.55
N SER B 69 -14.25 4.53 28.82
CA SER B 69 -15.25 4.57 29.86
C SER B 69 -15.82 5.97 30.05
N GLU B 70 -15.17 7.01 29.47
CA GLU B 70 -15.71 8.40 29.52
C GLU B 70 -16.83 8.59 28.50
N VAL B 71 -17.02 7.67 27.54
CA VAL B 71 -17.97 7.81 26.41
C VAL B 71 -19.31 7.24 26.83
N PRO B 72 -20.39 8.04 26.70
CA PRO B 72 -21.68 7.47 27.05
C PRO B 72 -22.25 6.36 26.18
N ASP B 73 -23.06 5.42 26.70
CA ASP B 73 -23.77 4.50 25.80
C ASP B 73 -24.54 5.22 24.70
N GLY B 74 -24.63 4.57 23.54
CA GLY B 74 -25.36 5.12 22.39
C GLY B 74 -24.54 6.08 21.55
N ALA B 75 -23.31 6.34 21.97
CA ALA B 75 -22.49 7.34 21.26
C ALA B 75 -21.80 6.71 20.04
N ILE B 76 -21.21 7.61 19.24
CA ILE B 76 -20.21 7.30 18.20
C ILE B 76 -18.80 7.58 18.75
N LEU B 77 -17.92 6.60 18.56
CA LEU B 77 -16.54 6.67 19.09
C LEU B 77 -15.63 6.36 17.89
N ILE B 78 -14.58 7.13 17.77
CA ILE B 78 -13.60 7.00 16.63
C ILE B 78 -12.24 6.68 17.30
N PHE B 79 -11.55 5.64 16.79
CA PHE B 79 -10.17 5.37 17.22
C PHE B 79 -9.23 6.23 16.42
N SER B 80 -8.11 6.73 17.02
CA SER B 80 -7.21 7.62 16.26
C SER B 80 -6.42 6.90 15.17
N ALA B 81 -5.76 7.72 14.37
CA ALA B 81 -5.06 7.12 13.21
C ALA B 81 -3.92 6.22 13.68
N HIS B 82 -3.38 6.46 14.86
CA HIS B 82 -2.20 5.74 15.39
C HIS B 82 -2.49 4.32 15.83
N GLY B 83 -3.79 3.99 15.97
CA GLY B 83 -4.19 2.59 16.27
C GLY B 83 -4.37 2.38 17.75
N VAL B 84 -4.91 1.21 18.05
CA VAL B 84 -5.23 0.84 19.45
C VAL B 84 -4.93 -0.59 19.68
N SER B 85 -4.77 -0.90 20.95
CA SER B 85 -4.54 -2.27 21.35
C SER B 85 -5.74 -3.13 21.22
N GLN B 86 -5.53 -4.43 21.29
CA GLN B 86 -6.65 -5.38 21.32
C GLN B 86 -7.48 -5.13 22.52
N ALA B 87 -6.88 -4.83 23.67
CA ALA B 87 -7.75 -4.60 24.82
C ALA B 87 -8.72 -3.44 24.65
N VAL B 88 -8.23 -2.36 24.00
CA VAL B 88 -9.10 -1.21 23.76
C VAL B 88 -10.20 -1.58 22.77
N ARG B 89 -9.84 -2.31 21.70
CA ARG B 89 -10.73 -2.68 20.68
C ARG B 89 -11.79 -3.59 21.30
N ASN B 90 -11.39 -4.54 22.12
CA ASN B 90 -12.42 -5.47 22.66
C ASN B 90 -13.33 -4.76 23.67
N GLU B 91 -12.77 -3.84 24.48
CA GLU B 91 -13.63 -3.07 25.37
C GLU B 91 -14.73 -2.31 24.57
N ALA B 92 -14.33 -1.64 23.49
CA ALA B 92 -15.27 -0.87 22.73
C ALA B 92 -16.33 -1.84 22.14
N LYS B 93 -15.89 -3.01 21.67
CA LYS B 93 -16.79 -4.02 21.04
C LYS B 93 -17.87 -4.43 22.06
N SER B 94 -17.50 -4.48 23.34
CA SER B 94 -18.40 -4.98 24.30
C SER B 94 -19.43 -3.92 24.76
N ARG B 95 -19.11 -2.64 24.54
CA ARG B 95 -19.96 -1.55 24.90
C ARG B 95 -21.06 -1.27 23.88
N ASP B 96 -22.10 -0.61 24.33
CA ASP B 96 -23.17 -0.20 23.42
C ASP B 96 -22.74 1.13 22.75
N LEU B 97 -21.84 1.04 21.75
CA LEU B 97 -21.26 2.17 21.05
C LEU B 97 -21.14 1.82 19.59
N THR B 98 -21.18 2.84 18.75
CA THR B 98 -20.99 2.70 17.28
C THR B 98 -19.53 3.15 17.09
N VAL B 99 -18.69 2.23 16.63
CA VAL B 99 -17.27 2.50 16.54
C VAL B 99 -16.80 2.63 15.11
N PHE B 100 -16.05 3.70 14.78
CA PHE B 100 -15.35 3.81 13.51
C PHE B 100 -13.87 3.84 13.76
N ASP B 101 -13.12 3.12 12.98
CA ASP B 101 -11.71 2.93 13.29
C ASP B 101 -10.90 3.75 12.28
N ALA B 102 -10.34 4.86 12.69
CA ALA B 102 -9.54 5.62 11.78
C ALA B 102 -8.09 5.18 11.73
N THR B 103 -7.74 4.05 12.35
CA THR B 103 -6.32 3.58 12.26
C THR B 103 -5.79 3.59 10.82
N CYS B 104 -4.64 4.11 10.55
CA CYS B 104 -4.14 4.04 9.19
C CYS B 104 -3.95 2.59 8.81
N PRO B 105 -4.30 2.20 7.54
CA PRO B 105 -4.05 0.84 7.03
C PRO B 105 -2.60 0.40 7.17
N LEU B 106 -1.63 1.36 7.09
CA LEU B 106 -0.23 0.97 7.19
C LEU B 106 0.25 0.73 8.60
N VAL B 107 -0.55 1.13 9.59
CA VAL B 107 -0.37 0.69 11.01
C VAL B 107 -1.06 -0.66 11.22
N THR B 108 -2.27 -0.79 10.69
CA THR B 108 -2.98 -2.11 10.78
C THR B 108 -2.14 -3.23 10.18
N LYS B 109 -1.39 -2.95 9.12
CA LYS B 109 -0.50 -3.98 8.48
C LYS B 109 0.52 -4.51 9.51
N VAL B 110 1.13 -3.62 10.32
CA VAL B 110 2.11 -4.02 11.37
C VAL B 110 1.36 -4.85 12.45
N HIS B 111 0.21 -4.37 12.86
CA HIS B 111 -0.58 -5.04 13.93
C HIS B 111 -0.81 -6.48 13.50
N MET B 112 -1.17 -6.74 12.22
CA MET B 112 -1.50 -8.11 11.78
C MET B 112 -0.28 -8.99 11.95
N GLU B 113 0.92 -8.43 11.73
CA GLU B 113 2.14 -9.24 11.84
C GLU B 113 2.49 -9.54 13.29
N VAL B 114 2.21 -8.60 14.19
CA VAL B 114 2.41 -8.85 15.61
C VAL B 114 1.44 -9.93 16.07
N ALA B 115 0.19 -9.86 15.63
CA ALA B 115 -0.84 -10.86 16.04
C ALA B 115 -0.42 -12.23 15.57
N ARG B 116 0.17 -12.32 14.38
CA ARG B 116 0.61 -13.61 13.86
C ARG B 116 1.72 -14.21 14.78
N ALA B 117 2.71 -13.41 15.13
CA ALA B 117 3.77 -13.85 16.03
C ALA B 117 3.22 -14.30 17.37
N SER B 118 2.20 -13.59 17.88
CA SER B 118 1.56 -13.90 19.13
C SER B 118 0.86 -15.26 19.09
N ARG B 119 0.21 -15.54 17.97
CA ARG B 119 -0.57 -16.79 17.81
C ARG B 119 0.39 -17.95 17.86
N ARG B 120 1.54 -17.78 17.17
CA ARG B 120 2.68 -18.74 17.17
C ARG B 120 3.46 -18.88 18.48
N GLY B 121 3.23 -18.02 19.47
CA GLY B 121 4.13 -17.94 20.64
C GLY B 121 5.59 -17.62 20.38
N GLU B 122 5.89 -16.97 19.25
CA GLU B 122 7.25 -16.59 18.89
C GLU B 122 7.46 -15.15 19.33
N GLU B 123 8.62 -14.86 19.90
CA GLU B 123 8.87 -13.52 20.47
C GLU B 123 9.03 -12.51 19.32
N SER B 124 8.60 -11.28 19.64
CA SER B 124 8.69 -10.17 18.67
C SER B 124 9.37 -9.02 19.34
N ILE B 125 10.10 -8.25 18.54
CA ILE B 125 10.75 -7.02 19.00
C ILE B 125 10.25 -5.87 18.11
N LEU B 126 9.77 -4.80 18.74
CA LEU B 126 9.34 -3.60 18.07
C LEU B 126 10.38 -2.55 18.25
N ILE B 127 10.77 -1.92 17.13
CA ILE B 127 11.62 -0.73 17.17
C ILE B 127 10.69 0.46 17.23
N GLY B 128 10.80 1.28 18.30
CA GLY B 128 9.85 2.38 18.42
C GLY B 128 10.10 3.19 19.65
N HIS B 129 9.30 4.23 19.88
CA HIS B 129 9.61 5.17 20.98
C HIS B 129 8.66 4.88 22.10
N ALA B 130 9.18 4.57 23.28
CA ALA B 130 8.32 4.39 24.46
C ALA B 130 7.32 5.54 24.65
N GLY B 131 6.08 5.18 24.96
CA GLY B 131 5.11 6.19 25.25
C GLY B 131 4.31 6.65 24.08
N HIS B 132 4.76 6.33 22.87
CA HIS B 132 3.97 6.79 21.72
C HIS B 132 2.71 5.94 21.54
N PRO B 133 1.54 6.52 21.16
CA PRO B 133 0.32 5.74 21.08
C PRO B 133 0.46 4.67 20.00
N GLU B 134 1.27 4.86 18.96
CA GLU B 134 1.29 3.74 17.99
C GLU B 134 2.04 2.55 18.61
N VAL B 135 3.11 2.80 19.36
CA VAL B 135 3.79 1.70 20.13
C VAL B 135 2.87 0.99 21.14
N GLU B 136 2.06 1.78 21.93
CA GLU B 136 1.01 1.15 22.75
C GLU B 136 0.11 0.29 22.00
N GLY B 137 -0.38 0.74 20.83
CA GLY B 137 -1.31 -0.10 20.11
C GLY B 137 -0.70 -1.37 19.51
N THR B 138 0.52 -1.22 18.94
CA THR B 138 1.24 -2.34 18.31
C THR B 138 1.73 -3.38 19.33
N MET B 139 2.30 -2.92 20.48
CA MET B 139 2.64 -3.88 21.57
C MET B 139 1.40 -4.58 22.06
N GLY B 140 0.28 -3.83 22.03
CA GLY B 140 -1.03 -4.30 22.48
C GLY B 140 -1.68 -5.33 21.59
N GLN B 141 -1.02 -5.70 20.47
CA GLN B 141 -1.54 -6.80 19.66
C GLN B 141 -0.96 -8.14 20.14
N TYR B 142 0.06 -8.07 21.01
CA TYR B 142 0.74 -9.33 21.48
C TYR B 142 0.15 -9.81 22.80
N SER B 143 -0.42 -10.99 22.85
CA SER B 143 -0.97 -11.43 24.14
C SER B 143 -0.44 -12.74 24.68
N ASN B 144 0.19 -13.55 23.82
CA ASN B 144 0.64 -14.94 24.20
C ASN B 144 1.74 -14.94 25.28
N PRO B 145 1.43 -15.42 26.49
CA PRO B 145 2.48 -15.43 27.49
C PRO B 145 3.59 -16.46 27.21
N GLU B 146 3.34 -17.44 26.33
CA GLU B 146 4.41 -18.35 25.94
C GLU B 146 5.55 -17.63 25.24
N GLY B 147 5.24 -16.52 24.54
CA GLY B 147 6.23 -15.74 23.84
C GLY B 147 6.66 -14.49 24.62
N GLY B 148 6.67 -13.33 23.93
CA GLY B 148 7.14 -12.14 24.59
C GLY B 148 7.13 -11.09 23.51
N MET B 149 7.03 -9.85 23.94
CA MET B 149 7.05 -8.68 23.03
C MET B 149 7.89 -7.63 23.70
N TYR B 150 8.94 -7.17 23.04
CA TYR B 150 9.94 -6.32 23.67
C TYR B 150 10.06 -5.04 22.83
N LEU B 151 10.40 -3.89 23.45
CA LEU B 151 10.57 -2.66 22.71
C LEU B 151 11.99 -2.26 22.78
N VAL B 152 12.59 -1.89 21.63
CA VAL B 152 13.98 -1.34 21.62
C VAL B 152 13.96 0.00 20.92
N GLU B 153 14.78 0.95 21.36
CA GLU B 153 14.86 2.23 20.65
C GLU B 153 16.22 2.51 20.01
N SER B 154 17.25 1.84 20.49
CA SER B 154 18.61 2.15 20.05
C SER B 154 19.40 0.84 19.85
N PRO B 155 20.55 0.92 19.16
CA PRO B 155 21.47 -0.27 19.14
C PRO B 155 21.79 -0.70 20.59
N ASP B 156 21.97 0.24 21.52
CA ASP B 156 22.23 -0.15 22.91
C ASP B 156 21.18 -1.00 23.56
N ASP B 157 19.89 -0.71 23.33
CA ASP B 157 18.83 -1.52 23.85
C ASP B 157 18.93 -2.94 23.30
N VAL B 158 19.31 -3.10 22.01
CA VAL B 158 19.48 -4.41 21.37
C VAL B 158 20.60 -5.19 22.05
N TRP B 159 21.73 -4.51 22.33
CA TRP B 159 22.81 -5.22 23.03
C TRP B 159 22.48 -5.67 24.42
N LYS B 160 21.60 -4.96 25.13
CA LYS B 160 21.27 -5.33 26.50
C LYS B 160 20.04 -6.28 26.61
N LEU B 161 19.30 -6.53 25.53
CA LEU B 161 18.05 -7.30 25.56
C LEU B 161 18.25 -8.81 25.84
N THR B 162 17.45 -9.37 26.76
CA THR B 162 17.37 -10.84 26.92
C THR B 162 16.05 -11.35 26.34
N VAL B 163 16.12 -12.42 25.53
CA VAL B 163 14.99 -13.04 24.91
C VAL B 163 15.02 -14.50 25.34
N LYS B 164 13.88 -15.17 25.24
CA LYS B 164 13.80 -16.61 25.67
C LYS B 164 14.31 -17.58 24.62
N ASN B 165 13.98 -17.33 23.36
CA ASN B 165 14.35 -18.21 22.24
C ASN B 165 14.75 -17.43 21.00
N GLU B 166 16.07 -17.26 20.84
CA GLU B 166 16.67 -16.45 19.77
C GLU B 166 16.46 -17.10 18.44
N GLU B 167 16.04 -18.36 18.42
CA GLU B 167 15.92 -19.00 17.14
C GLU B 167 14.62 -18.68 16.47
N LYS B 168 13.63 -18.26 17.28
CA LYS B 168 12.30 -17.93 16.79
C LYS B 168 11.94 -16.51 17.14
N LEU B 169 12.35 -15.57 16.31
CA LEU B 169 12.31 -14.15 16.71
C LEU B 169 11.92 -13.30 15.49
N SER B 170 10.99 -12.34 15.63
CA SER B 170 10.73 -11.46 14.49
C SER B 170 10.85 -10.02 14.94
N PHE B 171 10.98 -9.10 14.02
CA PHE B 171 10.88 -7.68 14.45
C PHE B 171 9.88 -6.93 13.55
N MET B 172 9.47 -5.77 14.08
CA MET B 172 8.61 -4.84 13.39
C MET B 172 9.06 -3.44 13.80
N THR B 173 8.54 -2.46 13.11
CA THR B 173 8.91 -1.07 13.50
C THR B 173 7.64 -0.19 13.48
N GLN B 174 7.78 0.86 14.31
CA GLN B 174 6.92 2.04 14.17
C GLN B 174 7.03 2.66 12.77
N THR B 175 5.91 3.26 12.37
CA THR B 175 5.78 3.72 10.96
C THR B 175 6.48 5.08 10.73
N THR B 176 6.66 5.87 11.81
CA THR B 176 7.08 7.28 11.63
C THR B 176 8.50 7.54 12.17
N LEU B 177 9.35 6.55 12.16
CA LEU B 177 10.71 6.70 12.66
C LEU B 177 11.68 7.38 11.67
N SER B 178 12.85 7.78 12.17
CA SER B 178 13.97 8.08 11.32
C SER B 178 14.45 6.81 10.54
N VAL B 179 14.47 6.93 9.20
CA VAL B 179 14.89 5.85 8.33
C VAL B 179 16.35 5.51 8.69
N ASP B 180 17.19 6.56 8.82
CA ASP B 180 18.63 6.32 9.17
C ASP B 180 18.82 5.67 10.52
N ASP B 181 18.16 6.15 11.56
CA ASP B 181 18.43 5.60 12.86
C ASP B 181 17.88 4.21 12.96
N THR B 182 16.72 3.97 12.36
CA THR B 182 16.14 2.65 12.43
C THR B 182 17.06 1.63 11.70
N SER B 183 17.68 2.04 10.59
CA SER B 183 18.68 1.20 9.89
C SER B 183 19.74 0.74 10.86
N ASP B 184 20.24 1.69 11.70
CA ASP B 184 21.21 1.31 12.76
C ASP B 184 20.70 0.24 13.74
N VAL B 185 19.46 0.38 14.17
CA VAL B 185 18.89 -0.60 15.12
C VAL B 185 18.76 -1.96 14.43
N ILE B 186 18.32 -2.00 13.15
CA ILE B 186 18.10 -3.27 12.48
C ILE B 186 19.47 -3.94 12.27
N ASP B 187 20.52 -3.15 11.97
CA ASP B 187 21.87 -3.72 11.78
C ASP B 187 22.28 -4.34 13.08
N ALA B 188 21.98 -3.72 14.23
CA ALA B 188 22.30 -4.31 15.50
C ALA B 188 21.50 -5.56 15.74
N LEU B 189 20.20 -5.56 15.48
CA LEU B 189 19.37 -6.76 15.65
C LEU B 189 19.92 -7.92 14.83
N ARG B 190 20.37 -7.68 13.61
CA ARG B 190 20.86 -8.83 12.80
C ARG B 190 22.21 -9.33 13.22
N LYS B 191 23.04 -8.45 13.75
CA LYS B 191 24.34 -8.95 14.32
C LYS B 191 24.09 -9.72 15.60
N ARG B 192 23.14 -9.28 16.42
CA ARG B 192 22.88 -9.94 17.72
C ARG B 192 22.09 -11.21 17.60
N PHE B 193 21.15 -11.18 16.65
CA PHE B 193 20.17 -12.29 16.48
C PHE B 193 20.15 -12.66 15.03
N PRO B 194 21.08 -13.49 14.61
CA PRO B 194 21.21 -13.75 13.16
C PRO B 194 20.02 -14.44 12.54
N LYS B 195 19.24 -15.17 13.33
CA LYS B 195 18.05 -15.86 12.83
C LYS B 195 16.78 -14.97 12.80
N ILE B 196 16.88 -13.71 13.21
CA ILE B 196 15.66 -12.83 13.27
C ILE B 196 15.13 -12.60 11.89
N VAL B 197 13.81 -12.57 11.84
CA VAL B 197 13.02 -12.39 10.61
C VAL B 197 12.33 -11.03 10.67
N GLY B 198 12.32 -10.36 9.55
CA GLY B 198 11.65 -9.05 9.49
C GLY B 198 11.17 -8.81 8.09
N PRO B 199 10.70 -7.56 7.85
CA PRO B 199 10.30 -7.27 6.47
C PRO B 199 11.60 -7.02 5.69
N ARG B 200 11.51 -6.69 4.41
CA ARG B 200 12.78 -6.50 3.61
C ARG B 200 13.64 -5.37 4.23
N LYS B 201 13.02 -4.28 4.69
CA LYS B 201 13.82 -3.13 5.25
C LYS B 201 13.20 -2.81 6.63
N ASP B 202 12.05 -2.19 6.62
CA ASP B 202 11.43 -1.82 7.93
C ASP B 202 9.95 -1.57 7.67
N ASP B 203 9.20 -1.15 8.69
CA ASP B 203 7.79 -0.84 8.53
C ASP B 203 7.55 0.65 8.41
N ILE B 204 8.62 1.46 8.26
CA ILE B 204 8.45 2.89 8.05
C ILE B 204 7.63 3.12 6.83
N CYS B 205 6.60 3.97 6.92
CA CYS B 205 5.66 4.03 5.79
C CYS B 205 6.22 4.93 4.64
N TYR B 206 5.56 4.83 3.46
CA TYR B 206 6.02 5.60 2.31
C TYR B 206 6.05 7.10 2.62
N ALA B 207 5.09 7.57 3.43
CA ALA B 207 4.96 9.03 3.63
C ALA B 207 6.18 9.52 4.46
N THR B 208 6.60 8.70 5.42
CA THR B 208 7.70 9.07 6.35
C THR B 208 9.00 9.02 5.54
N THR B 209 9.18 7.96 4.76
CA THR B 209 10.38 7.83 3.93
C THR B 209 10.46 9.00 2.98
N ASN B 210 9.33 9.30 2.35
CA ASN B 210 9.36 10.35 1.27
C ASN B 210 9.56 11.74 1.87
N ARG B 211 8.96 12.02 3.04
CA ARG B 211 9.12 13.36 3.66
C ARG B 211 10.53 13.52 4.15
N GLN B 212 11.15 12.45 4.65
CA GLN B 212 12.55 12.57 5.01
C GLN B 212 13.47 12.75 3.81
N GLU B 213 13.27 12.01 2.74
CA GLU B 213 14.01 12.23 1.47
C GLU B 213 13.81 13.68 0.93
N ALA B 214 12.58 14.13 0.94
CA ALA B 214 12.31 15.54 0.57
C ALA B 214 12.99 16.58 1.50
N VAL B 215 13.04 16.37 2.82
CA VAL B 215 13.62 17.41 3.62
C VAL B 215 15.16 17.36 3.48
N ARG B 216 15.74 16.20 3.14
CA ARG B 216 17.15 16.09 2.76
C ARG B 216 17.47 17.00 1.57
N ALA B 217 16.66 16.92 0.55
CA ALA B 217 16.83 17.74 -0.64
C ALA B 217 16.67 19.21 -0.30
N LEU B 218 15.68 19.55 0.54
CA LEU B 218 15.40 20.92 0.92
C LEU B 218 16.58 21.49 1.67
N ALA B 219 17.15 20.68 2.55
CA ALA B 219 18.15 21.22 3.46
C ALA B 219 19.48 21.37 2.73
N GLU B 220 19.69 20.66 1.62
CA GLU B 220 20.89 20.90 0.80
C GLU B 220 20.89 22.39 0.43
N GLN B 221 19.75 22.93 0.04
CA GLN B 221 19.68 24.26 -0.55
C GLN B 221 19.46 25.39 0.47
N ALA B 222 18.75 25.09 1.56
CA ALA B 222 18.21 26.11 2.48
C ALA B 222 19.10 26.26 3.73
N GLU B 223 19.26 27.50 4.21
CA GLU B 223 20.00 27.78 5.47
C GLU B 223 19.19 27.48 6.71
N VAL B 224 17.87 27.73 6.64
CA VAL B 224 16.98 27.56 7.77
C VAL B 224 15.85 26.71 7.23
N VAL B 225 15.37 25.77 8.04
CA VAL B 225 14.21 24.91 7.66
C VAL B 225 13.15 25.04 8.71
N LEU B 226 11.95 25.43 8.30
CA LEU B 226 10.77 25.45 9.20
C LEU B 226 10.00 24.21 8.92
N VAL B 227 9.66 23.44 9.96
CA VAL B 227 8.79 22.26 9.80
C VAL B 227 7.52 22.56 10.51
N VAL B 228 6.41 22.56 9.74
CA VAL B 228 5.08 22.75 10.32
C VAL B 228 4.64 21.42 10.94
N GLY B 229 4.43 21.42 12.25
CA GLY B 229 4.00 20.22 12.99
C GLY B 229 3.92 20.48 14.48
N SER B 230 3.20 19.64 15.22
CA SER B 230 3.04 19.80 16.68
C SER B 230 4.18 19.04 17.41
N LYS B 231 4.41 19.42 18.68
CA LYS B 231 5.49 18.82 19.44
C LYS B 231 5.38 17.33 19.64
N ASN B 232 4.18 16.82 19.66
CA ASN B 232 3.95 15.43 19.95
C ASN B 232 3.84 14.60 18.65
N SER B 233 4.14 15.24 17.53
CA SER B 233 4.16 14.43 16.20
C SER B 233 5.55 13.88 16.02
N SER B 234 5.63 12.55 16.06
CA SER B 234 6.89 11.86 15.84
C SER B 234 7.45 12.21 14.45
N ASN B 235 6.62 12.03 13.41
CA ASN B 235 7.27 12.22 12.07
C ASN B 235 7.67 13.62 11.82
N SER B 236 6.99 14.58 12.49
CA SER B 236 7.35 16.00 12.22
C SER B 236 8.69 16.30 12.92
N ASN B 237 8.84 15.75 14.15
CA ASN B 237 10.17 15.86 14.83
C ASN B 237 11.30 15.24 14.02
N ARG B 238 11.04 14.11 13.34
CA ARG B 238 12.08 13.45 12.55
C ARG B 238 12.52 14.38 11.42
N LEU B 239 11.58 15.18 10.91
CA LEU B 239 11.97 16.09 9.80
C LEU B 239 12.89 17.23 10.26
N ALA B 240 12.53 17.82 11.38
CA ALA B 240 13.33 18.89 12.03
C ALA B 240 14.68 18.32 12.36
N GLU B 241 14.72 17.14 13.01
CA GLU B 241 16.04 16.53 13.39
C GLU B 241 16.92 16.29 12.20
N LEU B 242 16.38 15.83 11.07
CA LEU B 242 17.19 15.45 9.96
C LEU B 242 17.86 16.73 9.40
N ALA B 243 17.07 17.78 9.28
CA ALA B 243 17.62 19.01 8.76
C ALA B 243 18.72 19.54 9.70
N GLN B 244 18.50 19.46 11.01
CA GLN B 244 19.48 19.91 12.02
C GLN B 244 20.75 19.08 11.95
N ARG B 245 20.63 17.78 11.71
CA ARG B 245 21.78 16.90 11.59
C ARG B 245 22.59 17.23 10.32
N MET B 246 21.92 17.85 9.30
CA MET B 246 22.66 18.28 8.07
C MET B 246 23.31 19.64 8.25
N GLY B 247 23.18 20.17 9.48
CA GLY B 247 23.86 21.44 9.88
C GLY B 247 23.09 22.68 9.53
N LYS B 248 21.81 22.52 9.29
CA LYS B 248 20.95 23.69 9.03
C LYS B 248 20.23 24.10 10.33
N ARG B 249 19.79 25.34 10.44
CA ARG B 249 18.98 25.73 11.56
C ARG B 249 17.54 25.30 11.31
N ALA B 250 16.98 24.49 12.20
CA ALA B 250 15.62 23.94 11.96
C ALA B 250 14.74 24.24 13.11
N PHE B 251 13.46 24.53 12.80
CA PHE B 251 12.50 24.86 13.82
C PHE B 251 11.23 24.08 13.56
N LEU B 252 10.68 23.46 14.60
CA LEU B 252 9.33 22.84 14.53
C LEU B 252 8.36 23.87 15.05
N ILE B 253 7.37 24.19 14.25
CA ILE B 253 6.42 25.24 14.57
C ILE B 253 4.98 24.78 14.32
N ASP B 254 4.07 25.14 15.23
CA ASP B 254 2.67 24.83 14.96
C ASP B 254 2.07 25.68 13.90
N ASP B 255 2.47 26.96 13.84
CA ASP B 255 1.88 27.84 12.83
C ASP B 255 2.71 29.09 12.62
N ALA B 256 2.29 29.90 11.67
CA ALA B 256 3.07 31.11 11.33
C ALA B 256 3.35 32.07 12.52
N LYS B 257 2.47 32.13 13.53
CA LYS B 257 2.63 32.98 14.70
C LYS B 257 3.83 32.61 15.53
N ASP B 258 4.31 31.36 15.42
CA ASP B 258 5.50 30.95 16.14
C ASP B 258 6.79 31.47 15.55
N ILE B 259 6.78 31.90 14.30
CA ILE B 259 8.03 32.31 13.67
C ILE B 259 8.57 33.61 14.32
N GLN B 260 9.86 33.60 14.67
CA GLN B 260 10.50 34.79 15.26
C GLN B 260 11.29 35.49 14.16
N GLU B 261 11.24 36.82 14.02
CA GLU B 261 12.10 37.40 12.95
C GLU B 261 13.62 37.17 13.09
N GLU B 262 14.15 37.15 14.33
CA GLU B 262 15.55 36.73 14.60
C GLU B 262 15.91 35.48 13.72
N TRP B 263 14.98 34.52 13.60
CA TRP B 263 15.31 33.29 12.88
C TRP B 263 15.71 33.44 11.46
N VAL B 264 15.14 34.44 10.78
CA VAL B 264 15.28 34.57 9.33
C VAL B 264 15.92 35.89 8.87
N LYS B 265 16.27 36.75 9.82
CA LYS B 265 16.92 38.04 9.49
C LYS B 265 18.20 37.79 8.68
N GLU B 266 18.24 38.34 7.46
CA GLU B 266 19.39 38.24 6.53
C GLU B 266 19.69 36.82 6.05
N VAL B 267 18.72 35.92 6.19
CA VAL B 267 18.88 34.58 5.70
C VAL B 267 18.52 34.67 4.24
N LYS B 268 19.27 34.04 3.36
CA LYS B 268 18.99 34.21 1.93
C LYS B 268 18.10 33.14 1.34
N CYS B 269 18.10 31.96 1.97
CA CYS B 269 17.25 30.88 1.50
C CYS B 269 16.61 30.19 2.70
N VAL B 270 15.30 30.23 2.75
CA VAL B 270 14.56 29.49 3.86
C VAL B 270 13.67 28.42 3.25
N GLY B 271 13.71 27.23 3.81
CA GLY B 271 12.86 26.10 3.39
C GLY B 271 11.76 25.83 4.35
N VAL B 272 10.64 25.44 3.78
CA VAL B 272 9.44 25.05 4.54
C VAL B 272 9.01 23.65 4.16
N THR B 273 8.80 22.85 5.21
CA THR B 273 8.11 21.59 4.93
C THR B 273 7.01 21.38 6.00
N ALA B 274 6.34 20.24 6.00
CA ALA B 274 5.29 20.01 6.93
C ALA B 274 5.23 18.54 7.19
N GLY B 275 5.00 18.15 8.44
CA GLY B 275 4.83 16.78 8.82
C GLY B 275 3.48 16.25 8.24
N ALA B 276 3.34 14.92 8.31
CA ALA B 276 2.21 14.24 7.67
C ALA B 276 0.85 14.57 8.25
N SER B 277 0.84 15.19 9.48
CA SER B 277 -0.44 15.53 10.16
C SER B 277 -0.75 17.06 10.06
N ALA B 278 0.03 17.82 9.29
CA ALA B 278 -0.11 19.33 9.20
C ALA B 278 -0.90 19.76 7.98
N PRO B 279 -2.05 20.44 8.16
CA PRO B 279 -2.82 20.88 6.98
C PRO B 279 -2.08 21.92 6.09
N ASP B 280 -2.40 21.91 4.81
CA ASP B 280 -1.74 22.82 3.85
C ASP B 280 -1.99 24.26 4.14
N ILE B 281 -3.14 24.61 4.72
CA ILE B 281 -3.35 26.01 4.99
C ILE B 281 -2.30 26.59 5.95
N LEU B 282 -1.82 25.78 6.86
CA LEU B 282 -0.77 26.23 7.79
C LEU B 282 0.51 26.55 7.03
N VAL B 283 0.85 25.73 6.02
CA VAL B 283 2.02 26.03 5.19
C VAL B 283 1.78 27.36 4.44
N GLN B 284 0.59 27.53 3.88
CA GLN B 284 0.28 28.76 3.08
C GLN B 284 0.43 29.95 4.01
N ASN B 285 -0.06 29.84 5.24
CA ASN B 285 0.05 31.00 6.18
C ASN B 285 1.54 31.25 6.52
N VAL B 286 2.34 30.18 6.59
CA VAL B 286 3.76 30.36 6.93
C VAL B 286 4.43 31.06 5.82
N VAL B 287 4.11 30.64 4.60
CA VAL B 287 4.70 31.28 3.46
C VAL B 287 4.30 32.78 3.40
N ALA B 288 3.04 33.08 3.72
CA ALA B 288 2.67 34.52 3.83
C ALA B 288 3.46 35.33 4.88
N ARG B 289 3.65 34.75 6.07
CA ARG B 289 4.43 35.38 7.14
C ARG B 289 5.88 35.56 6.64
N LEU B 290 6.50 34.55 5.97
CA LEU B 290 7.86 34.71 5.40
C LEU B 290 7.94 35.78 4.33
N GLN B 291 6.84 35.94 3.58
CA GLN B 291 6.81 37.00 2.55
C GLN B 291 6.74 38.36 3.25
N GLN B 292 6.09 38.44 4.40
CA GLN B 292 6.13 39.74 5.17
C GLN B 292 7.48 40.10 5.64
N LEU B 293 8.29 39.06 5.81
CA LEU B 293 9.55 39.23 6.41
C LEU B 293 10.54 39.24 5.23
N GLY B 294 10.03 39.42 4.02
CA GLY B 294 10.91 39.67 2.90
C GLY B 294 11.10 38.59 1.89
N GLY B 295 10.38 37.47 1.96
CA GLY B 295 10.57 36.42 0.94
C GLY B 295 9.85 36.64 -0.37
N GLY B 296 10.30 35.99 -1.45
CA GLY B 296 9.61 36.06 -2.76
C GLY B 296 8.56 35.01 -2.90
N GLU B 297 8.20 34.71 -4.16
CA GLU B 297 7.27 33.65 -4.54
C GLU B 297 7.81 32.39 -3.95
N ALA B 298 6.96 31.57 -3.36
CA ALA B 298 7.48 30.32 -2.81
C ALA B 298 7.77 29.41 -4.01
N ILE B 299 8.94 28.78 -4.02
CA ILE B 299 9.29 27.85 -5.09
C ILE B 299 9.19 26.41 -4.60
N PRO B 300 8.30 25.61 -5.23
CA PRO B 300 8.18 24.19 -4.88
C PRO B 300 9.37 23.45 -5.47
N LEU B 301 10.04 22.61 -4.67
CA LEU B 301 11.02 21.71 -5.26
C LEU B 301 10.35 20.54 -6.03
N GLU B 302 11.07 19.94 -6.96
CA GLU B 302 10.57 18.79 -7.72
C GLU B 302 10.66 17.62 -6.73
N GLY B 303 9.68 16.73 -6.73
CA GLY B 303 9.78 15.65 -5.71
C GLY B 303 9.16 14.38 -6.19
N ARG B 304 9.37 13.31 -5.42
CA ARG B 304 8.80 12.05 -5.69
C ARG B 304 7.28 12.18 -5.68
N GLU B 305 6.65 11.61 -6.70
CA GLU B 305 5.21 11.60 -6.80
C GLU B 305 4.60 10.68 -5.73
N GLU B 306 3.51 11.12 -5.11
CA GLU B 306 2.67 10.23 -4.23
C GLU B 306 1.37 10.05 -4.92
N ASN B 307 0.88 8.81 -4.95
CA ASN B 307 -0.45 8.62 -5.52
C ASN B 307 -1.39 7.77 -4.73
N ILE B 308 -1.05 7.49 -3.51
CA ILE B 308 -1.91 6.63 -2.68
C ILE B 308 -3.00 7.40 -1.94
N VAL B 309 -4.21 6.86 -1.95
CA VAL B 309 -5.38 7.45 -1.23
C VAL B 309 -6.01 6.25 -0.51
N PHE B 310 -6.43 6.50 0.78
CA PHE B 310 -7.24 5.52 1.50
C PHE B 310 -8.62 6.10 1.72
N GLU B 311 -9.64 5.37 1.24
CA GLU B 311 -10.98 5.94 1.32
C GLU B 311 -11.56 5.76 2.75
N VAL B 312 -12.56 6.59 3.07
CA VAL B 312 -13.30 6.43 4.37
C VAL B 312 -14.20 5.19 4.22
N PRO B 313 -14.59 4.55 5.33
CA PRO B 313 -15.56 3.44 5.33
C PRO B 313 -16.82 3.90 4.54
N LYS B 314 -17.40 2.98 3.79
CA LYS B 314 -18.54 3.36 2.94
C LYS B 314 -19.67 3.96 3.76
N GLU B 315 -19.78 3.50 5.01
CA GLU B 315 -20.83 4.00 5.95
C GLU B 315 -20.67 5.48 6.19
N LEU B 316 -19.45 6.02 5.97
CA LEU B 316 -19.22 7.45 6.23
C LEU B 316 -19.07 8.30 4.94
N ARG B 317 -19.48 7.77 3.80
CA ARG B 317 -19.49 8.59 2.57
C ARG B 317 -20.38 9.80 2.67
N VAL B 318 -19.95 10.89 2.05
CA VAL B 318 -20.68 12.18 2.08
C VAL B 318 -20.97 12.61 0.63
FE1 SF4 C . -4.29 -4.88 -9.27
FE2 SF4 C . -1.87 -3.82 -8.73
FE3 SF4 C . -2.00 -6.06 -10.10
FE4 SF4 C . -2.69 -6.11 -7.60
S1 SF4 C . -0.59 -5.63 -8.31
S2 SF4 C . -3.89 -7.12 -9.24
S3 SF4 C . -3.66 -4.02 -7.28
S4 SF4 C . -2.85 -4.06 -10.81
O15 0CN D . -5.83 -9.55 -15.31
P13 0CN D . -4.73 -8.63 -15.06
O14 0CN D . -4.63 -7.51 -16.04
O16 0CN D . -3.29 -9.26 -14.87
P17 0CN D . -2.85 -10.68 -14.33
O19 0CN D . -2.72 -11.53 -15.56
O18 0CN D . -3.82 -11.17 -13.38
O20 0CN D . -1.57 -10.43 -13.78
O29 0CN D . -5.14 -8.06 -13.69
C28 0CN D . -4.55 -6.93 -13.08
C27 0CN D . -3.10 -7.17 -12.81
C30 0CN D . -2.17 -6.27 -13.30
C13 0CN D . -1.21 -5.37 -13.78
FE1 SF4 E . 0.40 8.66 7.46
FE2 SF4 E . -0.33 6.07 7.64
FE3 SF4 E . 1.01 7.14 9.62
FE4 SF4 E . 2.24 6.78 7.37
S1 SF4 E . 1.44 5.08 8.67
S2 SF4 E . 2.37 8.75 8.57
S3 SF4 E . 0.53 7.11 5.81
S4 SF4 E . -1.08 7.79 8.97
O15 0CN F . 1.77 13.36 13.62
P13 0CN F . 1.06 12.14 13.46
O14 0CN F . -0.32 12.11 13.75
O16 0CN F . 1.64 10.88 14.25
P17 0CN F . 3.15 10.47 14.60
O19 0CN F . 4.07 11.05 13.69
O18 0CN F . 3.14 9.00 14.61
O20 0CN F . 3.41 11.01 15.97
O29 0CN F . 1.20 11.80 11.94
C28 0CN F . 0.45 10.83 11.24
C27 0CN F . 0.81 9.50 11.70
C30 0CN F . -0.21 8.68 12.18
C13 0CN F . -1.21 7.86 12.64
#